data_6ZEY
#
_entry.id   6ZEY
#
_cell.length_a   104.030
_cell.length_b   104.030
_cell.length_c   55.992
_cell.angle_alpha   90.000
_cell.angle_beta   90.000
_cell.angle_gamma   120.000
#
_symmetry.space_group_name_H-M   'P 61'
#
loop_
_entity.id
_entity.type
_entity.pdbx_description
1 polymer 'Kelch-like ECH-associated protein 1'
2 non-polymer 'DIMETHYL SULFOXIDE'
3 non-polymer '5-cyclopropyl-1-[3-(phenylsulfonylamino)phenyl]pyrazole-4-carboxylic acid'
4 water water
#
_entity_poly.entity_id   1
_entity_poly.type   'polypeptide(L)'
_entity_poly.pdbx_seq_one_letter_code
;GPKVGRLIYTAGGYFRQSLSYLEAYNPSNGSWLRLADLQVPRSGLAGCVVGGLLYAVGGRNNSPDGNTDSSALDCYNPMT
NQWSPCASMSVPRNRIGVGVIDGHIYAVGGSHGCIHHSSVERYEPERDEWHLVAPMLTRRIGVGVAVLNRLLYAVGGFDG
TNRLNSAECYYPERNEWRMITPMNTIRSGAGVCVLHNCIYAAGGYDGQDQLNSVERYDVETETWTFVAPMRHHRSALGIT
VHQGKIYVLGGYDGHTFLDSVECYDPDSDTWSEVTRMTSGRSGVGVAVTMEPCRKQIDQQNCTC
;
_entity_poly.pdbx_strand_id   A
#
loop_
_chem_comp.id
_chem_comp.type
_chem_comp.name
_chem_comp.formula
DMS non-polymer 'DIMETHYL SULFOXIDE' 'C2 H6 O S'
QGZ non-polymer '5-cyclopropyl-1-[3-(phenylsulfonylamino)phenyl]pyrazole-4-carboxylic acid' 'C19 H17 N3 O4 S'
#
# COMPACT_ATOMS: atom_id res chain seq x y z
N GLY A 5 15.60 7.09 -1.50
CA GLY A 5 15.74 8.16 -0.53
C GLY A 5 16.56 7.75 0.68
N ARG A 6 16.08 8.12 1.88
CA ARG A 6 16.78 7.74 3.10
C ARG A 6 15.86 7.29 4.23
N LEU A 7 14.61 7.74 4.29
CA LEU A 7 13.74 7.35 5.39
C LEU A 7 12.47 6.65 4.90
N ILE A 8 11.98 5.73 5.75
CA ILE A 8 10.73 5.02 5.56
C ILE A 8 9.66 5.74 6.36
N TYR A 9 8.72 6.36 5.68
CA TYR A 9 7.60 7.09 6.28
C TYR A 9 6.40 6.17 6.38
N THR A 10 5.78 6.16 7.57
CA THR A 10 4.50 5.49 7.79
C THR A 10 3.48 6.55 8.20
N ALA A 11 2.34 6.57 7.51
CA ALA A 11 1.32 7.57 7.67
C ALA A 11 0.00 6.88 7.99
N GLY A 12 -0.70 7.40 9.00
CA GLY A 12 -2.03 6.95 9.33
C GLY A 12 -2.04 5.57 9.93
N GLY A 13 -3.13 4.86 9.70
CA GLY A 13 -3.32 3.52 10.21
C GLY A 13 -4.50 3.43 11.14
N TYR A 14 -4.57 2.31 11.84
CA TYR A 14 -5.73 2.02 12.68
C TYR A 14 -5.30 1.30 13.94
N PHE A 15 -5.78 1.80 15.08
CA PHE A 15 -5.73 1.06 16.33
C PHE A 15 -6.83 1.65 17.20
N ARG A 16 -7.92 0.90 17.40
CA ARG A 16 -9.10 1.39 18.12
C ARG A 16 -9.87 2.37 17.26
N GLN A 17 -9.17 3.30 16.62
CA GLN A 17 -9.76 4.20 15.63
C GLN A 17 -8.70 4.52 14.59
N SER A 18 -9.12 5.23 13.54
CA SER A 18 -8.16 5.67 12.52
C SER A 18 -7.20 6.71 13.12
N LEU A 19 -5.97 6.69 12.63
CA LEU A 19 -4.86 7.41 13.23
C LEU A 19 -4.37 8.52 12.30
N SER A 20 -3.70 9.51 12.88
CA SER A 20 -3.15 10.62 12.12
CA SER A 20 -3.15 10.63 12.13
C SER A 20 -1.62 10.64 12.13
N TYR A 21 -0.99 9.61 12.70
CA TYR A 21 0.46 9.65 12.88
C TYR A 21 1.19 9.74 11.54
N LEU A 22 2.24 10.54 11.51
CA LEU A 22 3.28 10.43 10.49
C LEU A 22 4.60 10.22 11.24
N GLU A 23 5.25 9.09 10.99
CA GLU A 23 6.51 8.77 11.65
C GLU A 23 7.49 8.24 10.60
N ALA A 24 8.76 8.52 10.82
CA ALA A 24 9.80 8.22 9.85
C ALA A 24 10.88 7.39 10.52
N TYR A 25 11.21 6.26 9.90
CA TYR A 25 12.22 5.33 10.39
C TYR A 25 13.46 5.42 9.52
N ASN A 26 14.62 5.46 10.18
CA ASN A 26 15.90 5.55 9.48
C ASN A 26 16.62 4.21 9.59
N PRO A 27 16.67 3.41 8.51
CA PRO A 27 17.38 2.13 8.59
C PRO A 27 18.87 2.28 8.90
N SER A 28 19.45 3.46 8.65
CA SER A 28 20.89 3.61 8.87
C SER A 28 21.25 3.67 10.35
N ASN A 29 20.32 4.09 11.22
CA ASN A 29 20.63 4.18 12.64
C ASN A 29 19.53 3.68 13.57
N GLY A 30 18.44 3.14 13.05
CA GLY A 30 17.39 2.57 13.86
C GLY A 30 16.42 3.55 14.49
N SER A 31 16.55 4.84 14.22
CA SER A 31 15.78 5.85 14.92
C SER A 31 14.43 6.09 14.25
N TRP A 32 13.45 6.44 15.09
CA TRP A 32 12.15 6.91 14.64
C TRP A 32 12.00 8.39 14.96
N LEU A 33 11.34 9.12 14.07
CA LEU A 33 11.01 10.52 14.26
C LEU A 33 9.51 10.69 14.10
N ARG A 34 8.86 11.41 15.02
CA ARG A 34 7.45 11.74 14.84
C ARG A 34 7.36 13.11 14.16
N LEU A 35 6.63 13.16 13.05
CA LEU A 35 6.50 14.35 12.22
C LEU A 35 5.07 14.88 12.29
N ALA A 36 4.75 15.85 11.42
CA ALA A 36 3.46 16.50 11.47
C ALA A 36 2.33 15.52 11.22
N ASP A 37 1.30 15.56 12.08
CA ASP A 37 0.12 14.74 11.93
C ASP A 37 -0.58 15.03 10.61
N LEU A 38 -1.17 13.97 10.02
CA LEU A 38 -2.17 14.18 8.98
C LEU A 38 -3.24 15.13 9.47
N GLN A 39 -3.80 15.92 8.55
CA GLN A 39 -4.88 16.83 8.92
C GLN A 39 -6.15 16.07 9.31
N VAL A 40 -6.36 14.89 8.72
CA VAL A 40 -7.54 14.07 8.99
C VAL A 40 -7.08 12.65 9.26
N PRO A 41 -7.50 12.01 10.35
CA PRO A 41 -7.11 10.61 10.57
C PRO A 41 -7.59 9.73 9.42
N ARG A 42 -6.83 8.68 9.14
CA ARG A 42 -7.24 7.76 8.10
C ARG A 42 -6.50 6.44 8.21
N SER A 43 -7.25 5.36 8.02
CA SER A 43 -6.74 4.01 7.86
C SER A 43 -7.11 3.53 6.46
N GLY A 44 -6.48 2.44 6.03
CA GLY A 44 -6.73 1.91 4.70
C GLY A 44 -6.31 2.81 3.57
N LEU A 45 -5.39 3.74 3.84
CA LEU A 45 -4.85 4.63 2.83
C LEU A 45 -3.63 3.98 2.18
N ALA A 46 -3.11 4.64 1.15
CA ALA A 46 -1.82 4.27 0.59
C ALA A 46 -0.88 5.47 0.59
N GLY A 47 0.42 5.18 0.63
CA GLY A 47 1.45 6.20 0.51
C GLY A 47 2.26 6.00 -0.75
N CYS A 48 2.78 7.11 -1.27
CA CYS A 48 3.75 7.02 -2.36
C CYS A 48 4.55 8.31 -2.40
N VAL A 49 5.62 8.32 -3.19
CA VAL A 49 6.48 9.49 -3.33
C VAL A 49 6.65 9.83 -4.79
N VAL A 50 6.54 11.12 -5.09
CA VAL A 50 6.85 11.65 -6.42
C VAL A 50 7.62 12.95 -6.25
N GLY A 51 8.79 13.03 -6.88
CA GLY A 51 9.59 14.24 -6.78
C GLY A 51 9.89 14.67 -5.36
N GLY A 52 10.24 13.71 -4.51
CA GLY A 52 10.54 14.03 -3.14
C GLY A 52 9.37 14.50 -2.30
N LEU A 53 8.17 14.55 -2.86
CA LEU A 53 6.98 14.82 -2.06
C LEU A 53 6.32 13.50 -1.68
N LEU A 54 5.80 13.44 -0.44
CA LEU A 54 5.10 12.27 0.06
C LEU A 54 3.61 12.49 -0.11
N TYR A 55 2.91 11.49 -0.61
CA TYR A 55 1.47 11.59 -0.81
C TYR A 55 0.75 10.53 0.01
N ALA A 56 -0.35 10.95 0.64
CA ALA A 56 -1.30 10.10 1.35
C ALA A 56 -2.61 10.11 0.56
N VAL A 57 -3.07 8.91 0.19
CA VAL A 57 -4.13 8.75 -0.81
C VAL A 57 -5.24 7.89 -0.22
N GLY A 58 -6.47 8.42 -0.24
CA GLY A 58 -7.64 7.65 0.11
C GLY A 58 -7.69 7.26 1.57
N GLY A 59 -8.36 6.14 1.83
CA GLY A 59 -8.57 5.66 3.18
C GLY A 59 -9.97 5.92 3.71
N ARG A 60 -10.05 5.86 5.04
CA ARG A 60 -11.30 6.09 5.75
C ARG A 60 -10.97 6.58 7.14
N ASN A 61 -11.76 7.52 7.63
CA ASN A 61 -11.68 7.94 9.01
C ASN A 61 -12.75 7.17 9.77
N ASN A 62 -12.33 6.09 10.45
CA ASN A 62 -13.17 5.34 11.37
C ASN A 62 -13.04 6.03 12.72
N SER A 63 -14.06 6.75 13.18
CA SER A 63 -13.89 7.58 14.35
C SER A 63 -15.09 7.45 15.27
N PRO A 64 -14.91 7.77 16.55
CA PRO A 64 -16.00 7.62 17.52
C PRO A 64 -17.33 8.13 17.01
N ASP A 65 -17.30 9.27 16.31
CA ASP A 65 -18.49 10.00 15.93
C ASP A 65 -18.73 9.93 14.42
N GLY A 66 -18.40 8.81 13.80
CA GLY A 66 -18.74 8.60 12.41
C GLY A 66 -17.62 7.95 11.63
N ASN A 67 -17.97 7.42 10.46
CA ASN A 67 -17.01 6.79 9.57
C ASN A 67 -17.16 7.45 8.20
N THR A 68 -16.07 8.00 7.70
CA THR A 68 -16.08 8.74 6.44
C THR A 68 -14.99 8.20 5.52
N ASP A 69 -15.40 7.62 4.40
CA ASP A 69 -14.42 7.23 3.39
C ASP A 69 -13.80 8.48 2.77
N SER A 70 -12.54 8.36 2.39
CA SER A 70 -11.75 9.49 1.96
C SER A 70 -11.48 9.44 0.46
N SER A 71 -11.73 10.56 -0.21
CA SER A 71 -11.26 10.81 -1.57
C SER A 71 -10.03 11.69 -1.58
N ALA A 72 -9.40 11.90 -0.42
CA ALA A 72 -8.39 12.94 -0.29
C ALA A 72 -7.05 12.49 -0.85
N LEU A 73 -6.35 13.44 -1.45
CA LEU A 73 -4.92 13.36 -1.73
C LEU A 73 -4.26 14.47 -0.95
N ASP A 74 -3.34 14.12 -0.06
CA ASP A 74 -2.64 15.10 0.75
C ASP A 74 -1.14 14.94 0.52
N CYS A 75 -0.45 16.06 0.52
CA CYS A 75 0.94 16.14 0.11
C CYS A 75 1.78 16.64 1.28
N TYR A 76 2.82 15.90 1.62
CA TYR A 76 3.71 16.22 2.72
C TYR A 76 5.07 16.61 2.13
N ASN A 77 5.55 17.80 2.50
CA ASN A 77 6.85 18.27 2.06
C ASN A 77 7.87 18.08 3.16
N PRO A 78 8.84 17.16 3.01
CA PRO A 78 9.79 16.94 4.12
C PRO A 78 10.62 18.16 4.46
N MET A 79 10.85 19.06 3.50
CA MET A 79 11.66 20.24 3.77
C MET A 79 10.97 21.15 4.80
N THR A 80 9.64 21.23 4.74
CA THR A 80 8.87 22.12 5.59
C THR A 80 8.16 21.40 6.73
N ASN A 81 8.05 20.07 6.66
CA ASN A 81 7.28 19.30 7.64
C ASN A 81 5.83 19.76 7.67
N GLN A 82 5.27 20.02 6.50
CA GLN A 82 3.88 20.46 6.40
C GLN A 82 3.12 19.64 5.36
N TRP A 83 1.90 19.25 5.76
CA TRP A 83 0.89 18.70 4.87
C TRP A 83 0.10 19.82 4.22
N SER A 84 -0.20 19.67 2.93
CA SER A 84 -1.09 20.53 2.17
C SER A 84 -2.10 19.66 1.45
N PRO A 85 -3.37 20.05 1.39
CA PRO A 85 -4.31 19.32 0.53
C PRO A 85 -3.98 19.49 -0.95
N CYS A 86 -4.07 18.39 -1.68
CA CYS A 86 -4.04 18.37 -3.14
C CYS A 86 -5.42 18.05 -3.66
N ALA A 87 -5.55 17.99 -4.98
CA ALA A 87 -6.84 17.72 -5.59
C ALA A 87 -7.39 16.38 -5.11
N SER A 88 -8.68 16.36 -4.80
CA SER A 88 -9.35 15.13 -4.40
C SER A 88 -9.65 14.27 -5.61
N MET A 89 -9.74 12.97 -5.37
CA MET A 89 -10.12 12.01 -6.39
C MET A 89 -11.60 12.11 -6.69
N SER A 90 -12.00 11.42 -7.77
CA SER A 90 -13.40 11.45 -8.21
C SER A 90 -14.33 10.79 -7.21
N VAL A 91 -13.81 9.87 -6.41
CA VAL A 91 -14.62 9.04 -5.53
C VAL A 91 -13.83 8.70 -4.27
N PRO A 92 -14.49 8.51 -3.12
CA PRO A 92 -13.75 7.99 -1.96
C PRO A 92 -13.25 6.58 -2.23
N ARG A 93 -12.04 6.31 -1.75
CA ARG A 93 -11.42 4.99 -1.94
C ARG A 93 -10.76 4.53 -0.64
N ASN A 94 -11.49 3.76 0.15
CA ASN A 94 -10.95 3.11 1.34
C ASN A 94 -10.35 1.76 0.93
N ARG A 95 -9.27 1.37 1.61
CA ARG A 95 -8.57 0.12 1.30
C ARG A 95 -8.09 0.14 -0.15
N ILE A 96 -7.40 1.22 -0.47
CA ILE A 96 -6.94 1.55 -1.81
C ILE A 96 -5.58 0.93 -2.04
N GLY A 97 -5.22 0.80 -3.32
CA GLY A 97 -3.83 0.57 -3.71
C GLY A 97 -3.37 1.69 -4.62
N VAL A 98 -2.07 1.99 -4.60
CA VAL A 98 -1.54 3.02 -5.50
C VAL A 98 -0.22 2.56 -6.11
N GLY A 99 0.08 3.15 -7.26
CA GLY A 99 1.35 2.90 -7.93
C GLY A 99 1.78 4.14 -8.69
N VAL A 100 3.08 4.30 -8.89
CA VAL A 100 3.60 5.47 -9.57
C VAL A 100 4.28 5.05 -10.86
N ILE A 101 3.90 5.69 -11.97
CA ILE A 101 4.56 5.52 -13.26
C ILE A 101 4.85 6.88 -13.87
N ASP A 102 6.09 7.10 -14.28
CA ASP A 102 6.43 8.31 -15.04
C ASP A 102 5.96 9.57 -14.31
N GLY A 103 6.16 9.60 -13.01
CA GLY A 103 5.77 10.76 -12.21
C GLY A 103 4.28 10.93 -11.99
N HIS A 104 3.47 9.94 -12.33
CA HIS A 104 2.03 9.99 -12.17
C HIS A 104 1.59 8.96 -11.15
N ILE A 105 0.54 9.30 -10.39
CA ILE A 105 0.03 8.41 -9.35
C ILE A 105 -1.22 7.73 -9.85
N TYR A 106 -1.27 6.40 -9.77
CA TYR A 106 -2.45 5.63 -10.09
C TYR A 106 -3.13 5.19 -8.80
N ALA A 107 -4.38 5.61 -8.62
CA ALA A 107 -5.23 5.18 -7.52
C ALA A 107 -6.16 4.08 -8.02
N VAL A 108 -6.11 2.93 -7.35
CA VAL A 108 -6.67 1.68 -7.82
C VAL A 108 -7.66 1.16 -6.80
N GLY A 109 -8.91 0.97 -7.25
CA GLY A 109 -9.89 0.22 -6.48
C GLY A 109 -10.30 0.92 -5.20
N GLY A 110 -10.52 0.12 -4.16
CA GLY A 110 -10.98 0.64 -2.89
C GLY A 110 -12.49 0.68 -2.81
N SER A 111 -12.97 1.05 -1.63
CA SER A 111 -14.40 1.05 -1.38
C SER A 111 -14.93 2.42 -0.97
N HIS A 112 -16.23 2.58 -1.19
CA HIS A 112 -17.00 3.73 -0.72
C HIS A 112 -18.32 3.16 -0.19
N GLY A 113 -18.46 3.09 1.13
CA GLY A 113 -19.58 2.32 1.68
C GLY A 113 -19.55 0.93 1.09
N CYS A 114 -20.71 0.45 0.66
N CYS A 114 -20.71 0.44 0.67
CA CYS A 114 -20.79 -0.89 0.07
CA CYS A 114 -20.79 -0.89 0.08
C CYS A 114 -20.35 -0.94 -1.38
C CYS A 114 -20.33 -0.94 -1.37
N ILE A 115 -19.95 0.19 -1.97
CA ILE A 115 -19.46 0.18 -3.34
C ILE A 115 -18.01 -0.30 -3.37
N HIS A 116 -17.74 -1.36 -4.12
CA HIS A 116 -16.38 -1.85 -4.34
C HIS A 116 -15.95 -1.43 -5.74
N HIS A 117 -14.93 -0.59 -5.83
CA HIS A 117 -14.57 0.02 -7.10
C HIS A 117 -13.75 -0.94 -7.95
N SER A 118 -14.04 -0.94 -9.25
CA SER A 118 -13.07 -1.39 -10.25
C SER A 118 -12.39 -0.21 -10.92
N SER A 119 -12.88 1.01 -10.71
CA SER A 119 -12.36 2.19 -11.37
C SER A 119 -10.93 2.50 -10.91
N VAL A 120 -10.21 3.20 -11.79
CA VAL A 120 -8.82 3.57 -11.61
C VAL A 120 -8.67 5.00 -12.11
N GLU A 121 -7.92 5.82 -11.37
CA GLU A 121 -7.68 7.18 -11.84
C GLU A 121 -6.23 7.58 -11.64
N ARG A 122 -5.79 8.54 -12.44
CA ARG A 122 -4.38 8.92 -12.50
C ARG A 122 -4.23 10.39 -12.18
N TYR A 123 -3.29 10.70 -11.30
CA TYR A 123 -3.00 12.04 -10.84
C TYR A 123 -1.71 12.53 -11.46
N GLU A 124 -1.75 13.75 -12.00
CA GLU A 124 -0.58 14.39 -12.59
C GLU A 124 -0.17 15.55 -11.70
N PRO A 125 0.92 15.42 -10.92
CA PRO A 125 1.29 16.50 -9.99
C PRO A 125 1.49 17.84 -10.68
N GLU A 126 2.01 17.83 -11.91
CA GLU A 126 2.29 19.11 -12.59
C GLU A 126 1.02 19.91 -12.82
N ARG A 127 -0.15 19.27 -12.82
CA ARG A 127 -1.40 19.97 -13.01
C ARG A 127 -2.34 19.90 -11.81
N ASP A 128 -1.97 19.17 -10.75
CA ASP A 128 -2.84 18.92 -9.61
C ASP A 128 -4.23 18.51 -10.09
N GLU A 129 -4.26 17.42 -10.86
CA GLU A 129 -5.48 16.98 -11.50
C GLU A 129 -5.53 15.47 -11.58
N TRP A 130 -6.72 14.92 -11.34
CA TRP A 130 -7.02 13.51 -11.51
C TRP A 130 -7.84 13.30 -12.77
N HIS A 131 -7.59 12.19 -13.47
CA HIS A 131 -8.41 11.77 -14.59
C HIS A 131 -8.64 10.27 -14.52
N LEU A 132 -9.87 9.83 -14.76
CA LEU A 132 -10.11 8.39 -14.79
C LEU A 132 -9.40 7.76 -15.99
N VAL A 133 -8.93 6.54 -15.79
CA VAL A 133 -8.43 5.72 -16.89
C VAL A 133 -9.31 4.48 -16.99
N ALA A 134 -8.88 3.50 -17.78
CA ALA A 134 -9.66 2.28 -17.95
C ALA A 134 -9.83 1.59 -16.59
N PRO A 135 -11.01 1.08 -16.28
CA PRO A 135 -11.19 0.32 -15.03
C PRO A 135 -10.59 -1.07 -15.13
N MET A 136 -10.28 -1.62 -13.96
CA MET A 136 -9.83 -3.00 -13.90
C MET A 136 -10.94 -3.94 -14.37
N LEU A 137 -10.54 -5.16 -14.70
CA LEU A 137 -11.49 -6.21 -15.06
C LEU A 137 -12.26 -6.73 -13.86
N THR A 138 -11.83 -6.39 -12.64
CA THR A 138 -12.39 -6.93 -11.41
C THR A 138 -12.49 -5.79 -10.40
N ARG A 139 -13.56 -5.79 -9.62
CA ARG A 139 -13.63 -4.89 -8.47
C ARG A 139 -12.65 -5.38 -7.42
N ARG A 140 -11.86 -4.47 -6.86
CA ARG A 140 -10.83 -4.87 -5.88
C ARG A 140 -10.69 -3.83 -4.79
N ILE A 141 -10.93 -4.25 -3.54
CA ILE A 141 -10.53 -3.49 -2.38
C ILE A 141 -9.49 -4.32 -1.63
N GLY A 142 -8.68 -3.63 -0.83
CA GLY A 142 -7.54 -4.31 -0.24
C GLY A 142 -6.59 -4.82 -1.29
N VAL A 143 -6.48 -4.11 -2.39
CA VAL A 143 -5.73 -4.52 -3.56
C VAL A 143 -4.28 -4.10 -3.38
N GLY A 144 -3.37 -5.00 -3.73
CA GLY A 144 -1.96 -4.65 -3.77
C GLY A 144 -1.58 -4.15 -5.15
N VAL A 145 -0.75 -3.11 -5.17
CA VAL A 145 -0.39 -2.48 -6.43
C VAL A 145 1.11 -2.37 -6.51
N ALA A 146 1.68 -2.68 -7.67
CA ALA A 146 3.10 -2.47 -7.87
C ALA A 146 3.36 -2.07 -9.30
N VAL A 147 4.55 -1.50 -9.54
CA VAL A 147 4.95 -1.05 -10.86
C VAL A 147 6.28 -1.69 -11.21
N LEU A 148 6.37 -2.23 -12.42
CA LEU A 148 7.61 -2.81 -12.92
C LEU A 148 7.68 -2.55 -14.42
N ASN A 149 8.82 -2.02 -14.87
CA ASN A 149 9.05 -1.76 -16.30
C ASN A 149 7.90 -0.97 -16.90
N ARG A 150 7.44 0.05 -16.16
CA ARG A 150 6.40 0.98 -16.59
C ARG A 150 5.08 0.29 -16.90
N LEU A 151 4.83 -0.82 -16.23
CA LEU A 151 3.54 -1.49 -16.25
C LEU A 151 3.00 -1.56 -14.83
N LEU A 152 1.67 -1.45 -14.69
CA LEU A 152 1.02 -1.38 -13.38
C LEU A 152 0.32 -2.70 -13.06
N TYR A 153 0.50 -3.21 -11.86
CA TYR A 153 -0.08 -4.49 -11.49
C TYR A 153 -1.02 -4.31 -10.30
N ALA A 154 -2.19 -4.93 -10.39
CA ALA A 154 -3.18 -5.00 -9.31
C ALA A 154 -3.31 -6.46 -8.92
N VAL A 155 -3.18 -6.75 -7.63
CA VAL A 155 -2.95 -8.09 -7.13
C VAL A 155 -3.89 -8.35 -5.95
N GLY A 156 -4.72 -9.38 -6.08
CA GLY A 156 -5.55 -9.83 -4.99
C GLY A 156 -6.66 -8.86 -4.64
N GLY A 157 -7.03 -8.88 -3.37
CA GLY A 157 -8.08 -8.03 -2.85
C GLY A 157 -9.40 -8.75 -2.65
N PHE A 158 -10.47 -7.96 -2.61
CA PHE A 158 -11.82 -8.41 -2.30
C PHE A 158 -12.79 -7.71 -3.24
N ASP A 159 -13.63 -8.48 -3.93
CA ASP A 159 -14.47 -7.90 -4.97
C ASP A 159 -15.89 -7.60 -4.50
N GLY A 160 -16.14 -7.66 -3.19
CA GLY A 160 -17.47 -7.48 -2.66
C GLY A 160 -18.14 -8.77 -2.22
N THR A 161 -17.69 -9.90 -2.74
CA THR A 161 -18.20 -11.20 -2.34
C THR A 161 -17.08 -12.17 -1.99
N ASN A 162 -15.99 -12.17 -2.75
CA ASN A 162 -14.90 -13.12 -2.55
C ASN A 162 -13.55 -12.43 -2.46
N ARG A 163 -12.69 -12.94 -1.57
CA ARG A 163 -11.27 -12.62 -1.63
C ARG A 163 -10.66 -13.35 -2.82
N LEU A 164 -9.59 -12.76 -3.37
CA LEU A 164 -9.10 -13.11 -4.70
C LEU A 164 -7.66 -13.57 -4.67
N ASN A 165 -7.35 -14.54 -5.54
CA ASN A 165 -5.97 -14.83 -5.91
C ASN A 165 -5.61 -14.25 -7.26
N SER A 166 -6.56 -13.64 -7.96
CA SER A 166 -6.32 -13.15 -9.30
C SER A 166 -5.49 -11.86 -9.28
N ALA A 167 -4.86 -11.57 -10.41
CA ALA A 167 -4.10 -10.36 -10.60
C ALA A 167 -4.23 -9.93 -12.06
N GLU A 168 -3.98 -8.64 -12.30
CA GLU A 168 -4.04 -8.11 -13.65
C GLU A 168 -3.03 -6.97 -13.83
N CYS A 169 -2.77 -6.66 -15.09
CA CYS A 169 -1.72 -5.74 -15.49
C CYS A 169 -2.30 -4.67 -16.42
N TYR A 170 -1.88 -3.44 -16.19
CA TYR A 170 -2.33 -2.28 -16.94
C TYR A 170 -1.17 -1.81 -17.81
N TYR A 171 -1.45 -1.69 -19.11
CA TYR A 171 -0.52 -1.28 -20.15
C TYR A 171 -0.87 0.15 -20.54
N PRO A 172 -0.14 1.16 -20.06
CA PRO A 172 -0.62 2.54 -20.21
C PRO A 172 -0.83 2.98 -21.65
N GLU A 173 0.08 2.61 -22.56
CA GLU A 173 -0.02 3.10 -23.92
C GLU A 173 -1.18 2.46 -24.68
N ARG A 174 -1.79 1.41 -24.12
CA ARG A 174 -3.01 0.83 -24.67
C ARG A 174 -4.24 1.14 -23.82
N ASN A 175 -4.06 1.79 -22.66
CA ASN A 175 -5.14 2.02 -21.69
C ASN A 175 -6.00 0.79 -21.52
N GLU A 176 -5.35 -0.33 -21.20
CA GLU A 176 -5.99 -1.62 -21.20
C GLU A 176 -5.45 -2.49 -20.07
N TRP A 177 -6.37 -3.21 -19.43
CA TRP A 177 -6.04 -4.19 -18.41
C TRP A 177 -6.12 -5.61 -18.99
N ARG A 178 -5.20 -6.47 -18.55
CA ARG A 178 -5.21 -7.87 -18.94
C ARG A 178 -4.89 -8.74 -17.72
N MET A 179 -5.59 -9.86 -17.58
CA MET A 179 -5.31 -10.76 -16.47
C MET A 179 -3.90 -11.33 -16.61
N ILE A 180 -3.21 -11.52 -15.48
CA ILE A 180 -1.98 -12.29 -15.47
C ILE A 180 -2.22 -13.58 -14.70
N THR A 181 -1.20 -14.43 -14.63
CA THR A 181 -1.29 -15.67 -13.86
C THR A 181 -1.76 -15.35 -12.44
N PRO A 182 -2.76 -16.08 -11.92
CA PRO A 182 -3.17 -15.86 -10.53
C PRO A 182 -2.11 -16.34 -9.55
N MET A 183 -2.10 -15.71 -8.38
CA MET A 183 -1.25 -16.19 -7.30
C MET A 183 -1.66 -17.61 -6.90
N ASN A 184 -0.78 -18.27 -6.16
CA ASN A 184 -1.10 -19.57 -5.58
C ASN A 184 -1.83 -19.45 -4.24
N THR A 185 -2.09 -18.23 -3.79
CA THR A 185 -2.75 -17.99 -2.51
C THR A 185 -3.78 -16.89 -2.71
N ILE A 186 -4.96 -17.07 -2.13
CA ILE A 186 -5.91 -15.97 -2.02
C ILE A 186 -5.37 -14.96 -1.03
N ARG A 187 -5.26 -13.70 -1.44
CA ARG A 187 -4.75 -12.67 -0.54
C ARG A 187 -5.52 -11.38 -0.70
N SER A 188 -6.07 -10.89 0.42
CA SER A 188 -6.72 -9.59 0.48
C SER A 188 -6.08 -8.79 1.60
N GLY A 189 -5.75 -7.54 1.34
CA GLY A 189 -5.00 -6.75 2.30
C GLY A 189 -3.58 -7.23 2.48
N ALA A 190 -2.97 -7.74 1.42
CA ALA A 190 -1.57 -8.09 1.42
C ALA A 190 -0.71 -6.84 1.23
N GLY A 191 0.60 -7.02 1.39
CA GLY A 191 1.57 -6.02 0.99
C GLY A 191 2.19 -6.45 -0.32
N VAL A 192 2.16 -5.55 -1.30
CA VAL A 192 2.64 -5.85 -2.64
C VAL A 192 3.67 -4.81 -3.03
N CYS A 193 4.82 -5.26 -3.53
CA CYS A 193 5.88 -4.35 -3.92
C CYS A 193 6.69 -5.00 -5.04
N VAL A 194 7.67 -4.27 -5.56
CA VAL A 194 8.53 -4.78 -6.62
C VAL A 194 9.96 -4.84 -6.11
N LEU A 195 10.66 -5.89 -6.51
CA LEU A 195 12.07 -6.04 -6.18
C LEU A 195 12.72 -6.79 -7.33
N HIS A 196 13.76 -6.19 -7.90
CA HIS A 196 14.45 -6.73 -9.07
C HIS A 196 13.39 -6.93 -10.15
N ASN A 197 13.20 -8.13 -10.67
CA ASN A 197 12.27 -8.34 -11.78
C ASN A 197 10.98 -9.01 -11.31
N CYS A 198 10.69 -8.94 -10.00
CA CYS A 198 9.56 -9.69 -9.47
C CYS A 198 8.60 -8.79 -8.70
N ILE A 199 7.32 -9.15 -8.79
CA ILE A 199 6.27 -8.58 -7.95
C ILE A 199 6.10 -9.48 -6.73
N TYR A 200 6.32 -8.94 -5.54
CA TYR A 200 6.13 -9.68 -4.30
C TYR A 200 4.75 -9.39 -3.70
N ALA A 201 4.14 -10.45 -3.15
CA ALA A 201 2.90 -10.38 -2.38
C ALA A 201 3.14 -11.09 -1.05
N ALA A 202 3.06 -10.32 0.04
CA ALA A 202 3.34 -10.79 1.38
C ALA A 202 2.10 -10.69 2.23
N GLY A 203 1.79 -11.76 2.96
CA GLY A 203 0.71 -11.71 3.92
C GLY A 203 -0.65 -11.50 3.28
N GLY A 204 -1.54 -10.86 4.03
CA GLY A 204 -2.92 -10.73 3.62
C GLY A 204 -3.82 -11.68 4.36
N TYR A 205 -5.10 -11.62 3.98
CA TYR A 205 -6.15 -12.45 4.56
C TYR A 205 -6.77 -13.28 3.45
N ASP A 206 -6.93 -14.58 3.68
CA ASP A 206 -7.36 -15.48 2.61
C ASP A 206 -8.83 -15.88 2.75
N GLY A 207 -9.55 -15.27 3.68
CA GLY A 207 -10.91 -15.66 4.00
C GLY A 207 -11.05 -16.34 5.34
N GLN A 208 -9.97 -16.92 5.86
CA GLN A 208 -10.02 -17.65 7.12
C GLN A 208 -8.93 -17.23 8.08
N ASP A 209 -7.72 -16.98 7.60
CA ASP A 209 -6.59 -16.67 8.46
C ASP A 209 -5.75 -15.55 7.86
N GLN A 210 -5.14 -14.76 8.72
CA GLN A 210 -4.05 -13.90 8.29
C GLN A 210 -2.85 -14.77 7.92
N LEU A 211 -2.10 -14.32 6.92
CA LEU A 211 -1.07 -15.12 6.28
C LEU A 211 0.32 -14.62 6.63
N ASN A 212 1.28 -15.55 6.75
CA ASN A 212 2.69 -15.19 6.78
C ASN A 212 3.41 -15.55 5.49
N SER A 213 2.74 -16.23 4.57
CA SER A 213 3.41 -16.67 3.35
C SER A 213 3.70 -15.48 2.44
N VAL A 214 4.70 -15.67 1.58
CA VAL A 214 5.14 -14.62 0.65
C VAL A 214 5.42 -15.30 -0.68
N GLU A 215 4.92 -14.72 -1.76
CA GLU A 215 5.20 -15.26 -3.09
C GLU A 215 5.55 -14.14 -4.04
N ARG A 216 6.20 -14.50 -5.13
CA ARG A 216 6.67 -13.50 -6.07
C ARG A 216 6.48 -13.97 -7.50
N TYR A 217 6.13 -13.01 -8.34
CA TYR A 217 5.77 -13.21 -9.74
C TYR A 217 6.92 -12.70 -10.60
N ASP A 218 7.49 -13.60 -11.39
CA ASP A 218 8.54 -13.22 -12.34
C ASP A 218 7.86 -12.83 -13.65
N VAL A 219 8.00 -11.56 -14.05
CA VAL A 219 7.26 -11.10 -15.22
C VAL A 219 7.75 -11.83 -16.47
N GLU A 220 9.01 -12.28 -16.48
CA GLU A 220 9.49 -12.96 -17.68
C GLU A 220 8.91 -14.37 -17.79
N THR A 221 8.83 -15.11 -16.68
CA THR A 221 8.33 -16.47 -16.72
C THR A 221 6.83 -16.56 -16.44
N GLU A 222 6.22 -15.49 -15.93
CA GLU A 222 4.78 -15.46 -15.68
C GLU A 222 4.36 -16.51 -14.66
N THR A 223 5.27 -16.85 -13.75
CA THR A 223 4.95 -17.79 -12.69
C THR A 223 5.19 -17.16 -11.32
N TRP A 224 4.39 -17.62 -10.36
CA TRP A 224 4.51 -17.27 -8.95
C TRP A 224 5.26 -18.38 -8.21
N THR A 225 6.19 -17.96 -7.35
CA THR A 225 6.98 -18.87 -6.53
C THR A 225 6.98 -18.38 -5.08
N PHE A 226 6.76 -19.30 -4.14
CA PHE A 226 6.85 -18.94 -2.71
C PHE A 226 8.31 -18.73 -2.33
N VAL A 227 8.55 -17.75 -1.46
CA VAL A 227 9.84 -17.56 -0.81
C VAL A 227 9.66 -17.81 0.69
N ALA A 228 10.64 -17.44 1.50
CA ALA A 228 10.52 -17.66 2.93
C ALA A 228 9.33 -16.88 3.50
N PRO A 229 8.58 -17.46 4.44
CA PRO A 229 7.48 -16.71 5.05
C PRO A 229 7.98 -15.71 6.07
N MET A 230 7.18 -14.67 6.29
CA MET A 230 7.45 -13.72 7.35
C MET A 230 7.37 -14.40 8.71
N ARG A 231 7.96 -13.74 9.71
CA ARG A 231 7.92 -14.28 11.07
C ARG A 231 6.54 -14.11 11.69
N HIS A 232 5.77 -13.11 11.26
CA HIS A 232 4.44 -12.88 11.79
C HIS A 232 3.40 -12.95 10.68
N HIS A 233 2.31 -13.66 10.94
CA HIS A 233 1.14 -13.56 10.09
C HIS A 233 0.61 -12.13 10.13
N ARG A 234 0.18 -11.58 8.99
CA ARG A 234 -0.32 -10.21 9.05
C ARG A 234 -1.14 -9.85 7.83
N SER A 235 -2.23 -9.14 8.11
CA SER A 235 -3.09 -8.51 7.11
C SER A 235 -3.07 -7.01 7.34
N ALA A 236 -3.38 -6.25 6.28
CA ALA A 236 -3.34 -4.79 6.34
C ALA A 236 -1.97 -4.29 6.79
N LEU A 237 -0.93 -4.91 6.25
CA LEU A 237 0.43 -4.46 6.50
C LEU A 237 0.81 -3.33 5.54
N GLY A 238 1.77 -2.52 5.95
CA GLY A 238 2.43 -1.61 5.04
C GLY A 238 3.67 -2.29 4.49
N ILE A 239 4.05 -1.94 3.26
CA ILE A 239 5.21 -2.56 2.65
C ILE A 239 5.94 -1.51 1.82
N THR A 240 7.27 -1.60 1.82
CA THR A 240 8.06 -0.77 0.94
C THR A 240 9.39 -1.44 0.69
N VAL A 241 10.17 -0.86 -0.22
CA VAL A 241 11.50 -1.34 -0.54
C VAL A 241 12.50 -0.24 -0.24
N HIS A 242 13.65 -0.64 0.30
CA HIS A 242 14.69 0.31 0.72
C HIS A 242 16.02 -0.42 0.54
N GLN A 243 16.88 0.14 -0.32
CA GLN A 243 18.20 -0.40 -0.65
C GLN A 243 18.16 -1.91 -0.84
N GLY A 244 17.26 -2.35 -1.71
CA GLY A 244 17.25 -3.71 -2.17
C GLY A 244 16.62 -4.71 -1.22
N LYS A 245 16.01 -4.23 -0.14
CA LYS A 245 15.34 -5.11 0.80
C LYS A 245 13.89 -4.68 0.96
N ILE A 246 13.04 -5.67 1.29
CA ILE A 246 11.63 -5.39 1.56
C ILE A 246 11.45 -5.13 3.04
N TYR A 247 10.67 -4.10 3.37
CA TYR A 247 10.26 -3.83 4.75
C TYR A 247 8.74 -3.96 4.84
N VAL A 248 8.28 -4.72 5.84
CA VAL A 248 6.85 -4.83 6.12
C VAL A 248 6.61 -4.25 7.52
N LEU A 249 5.55 -3.45 7.64
CA LEU A 249 5.29 -2.64 8.82
C LEU A 249 3.89 -2.92 9.36
N GLY A 250 3.82 -3.36 10.60
CA GLY A 250 2.56 -3.47 11.28
C GLY A 250 1.61 -4.48 10.65
N GLY A 251 0.33 -4.21 10.82
CA GLY A 251 -0.71 -5.14 10.39
C GLY A 251 -1.43 -5.76 11.57
N TYR A 252 -2.36 -6.65 11.24
CA TYR A 252 -3.16 -7.37 12.21
C TYR A 252 -2.89 -8.86 12.05
N ASP A 253 -2.61 -9.55 13.16
CA ASP A 253 -2.23 -10.96 13.10
C ASP A 253 -3.35 -11.87 13.60
N GLY A 254 -4.58 -11.34 13.70
CA GLY A 254 -5.70 -12.06 14.26
C GLY A 254 -5.85 -11.97 15.76
N HIS A 255 -4.95 -11.26 16.43
CA HIS A 255 -4.95 -11.18 17.90
C HIS A 255 -4.48 -9.82 18.35
N THR A 256 -3.49 -9.27 17.64
CA THR A 256 -2.80 -8.06 18.04
C THR A 256 -2.58 -7.18 16.82
N PHE A 257 -2.73 -5.87 17.01
CA PHE A 257 -2.25 -4.91 16.04
C PHE A 257 -0.75 -4.76 16.24
N LEU A 258 0.01 -5.18 15.23
CA LEU A 258 1.44 -5.39 15.40
C LEU A 258 2.22 -4.09 15.31
N ASP A 259 3.26 -3.98 16.14
CA ASP A 259 4.28 -2.95 15.95
C ASP A 259 5.51 -3.50 15.23
N SER A 260 5.57 -4.79 14.97
CA SER A 260 6.73 -5.41 14.36
C SER A 260 7.01 -4.84 12.97
N VAL A 261 8.29 -4.58 12.69
CA VAL A 261 8.76 -4.28 11.34
C VAL A 261 9.75 -5.36 10.97
N GLU A 262 9.47 -6.07 9.87
CA GLU A 262 10.34 -7.13 9.39
C GLU A 262 11.01 -6.73 8.08
N CYS A 263 12.18 -7.30 7.84
CA CYS A 263 12.99 -6.98 6.67
C CYS A 263 13.38 -8.26 5.95
N TYR A 264 13.19 -8.27 4.63
CA TYR A 264 13.48 -9.42 3.79
C TYR A 264 14.71 -9.13 2.93
N ASP A 265 15.71 -10.01 3.06
CA ASP A 265 16.93 -10.02 2.27
C ASP A 265 16.78 -11.07 1.18
N PRO A 266 16.67 -10.68 -0.10
CA PRO A 266 16.42 -11.69 -1.13
C PRO A 266 17.61 -12.57 -1.44
N ASP A 267 18.84 -12.13 -1.13
CA ASP A 267 20.02 -12.94 -1.41
C ASP A 267 20.14 -14.11 -0.44
N SER A 268 19.69 -13.94 0.80
CA SER A 268 19.69 -15.01 1.78
C SER A 268 18.32 -15.66 1.96
N ASP A 269 17.26 -15.07 1.38
CA ASP A 269 15.90 -15.58 1.52
C ASP A 269 15.51 -15.72 2.99
N THR A 270 15.76 -14.66 3.76
CA THR A 270 15.46 -14.64 5.19
C THR A 270 14.78 -13.34 5.58
N TRP A 271 13.87 -13.45 6.54
CA TRP A 271 13.24 -12.31 7.19
C TRP A 271 13.86 -12.13 8.56
N SER A 272 14.02 -10.87 8.97
CA SER A 272 14.43 -10.59 10.34
C SER A 272 13.65 -9.39 10.86
N GLU A 273 13.46 -9.35 12.18
CA GLU A 273 12.90 -8.17 12.82
C GLU A 273 13.97 -7.09 12.87
N VAL A 274 13.64 -5.89 12.40
CA VAL A 274 14.64 -4.83 12.38
C VAL A 274 14.30 -3.68 13.33
N THR A 275 13.04 -3.50 13.67
CA THR A 275 12.62 -2.44 14.58
C THR A 275 11.16 -2.67 14.93
N ARG A 276 10.65 -1.81 15.80
CA ARG A 276 9.25 -1.78 16.14
C ARG A 276 8.73 -0.37 15.93
N MET A 277 7.54 -0.25 15.36
CA MET A 277 6.85 1.02 15.37
C MET A 277 6.58 1.45 16.81
N THR A 278 6.40 2.75 17.00
CA THR A 278 6.16 3.29 18.33
C THR A 278 4.87 2.77 18.94
N SER A 279 3.96 2.23 18.13
CA SER A 279 2.75 1.59 18.65
C SER A 279 2.18 0.70 17.55
N GLY A 280 1.53 -0.38 17.98
CA GLY A 280 0.93 -1.30 17.02
C GLY A 280 -0.20 -0.65 16.26
N ARG A 281 -0.31 -1.01 14.97
CA ARG A 281 -1.30 -0.42 14.08
C ARG A 281 -1.37 -1.24 12.79
N SER A 282 -2.50 -1.12 12.11
CA SER A 282 -2.69 -1.73 10.79
C SER A 282 -3.12 -0.65 9.80
N GLY A 283 -3.17 -1.04 8.52
CA GLY A 283 -3.74 -0.18 7.50
C GLY A 283 -2.99 1.12 7.27
N VAL A 284 -1.66 1.11 7.40
CA VAL A 284 -0.88 2.32 7.22
C VAL A 284 -0.57 2.51 5.72
N GLY A 285 -0.17 3.73 5.39
CA GLY A 285 0.46 4.00 4.11
C GLY A 285 1.95 4.18 4.33
N VAL A 286 2.75 3.68 3.40
CA VAL A 286 4.21 3.67 3.56
C VAL A 286 4.87 4.15 2.29
N ALA A 287 5.94 4.93 2.44
CA ALA A 287 6.76 5.27 1.28
C ALA A 287 8.13 5.73 1.75
N VAL A 288 9.05 5.89 0.80
CA VAL A 288 10.43 6.23 1.12
C VAL A 288 10.80 7.53 0.44
N THR A 289 11.43 8.43 1.21
CA THR A 289 11.98 9.64 0.59
C THR A 289 13.02 10.26 1.51
N MET A 290 13.51 11.45 1.13
CA MET A 290 14.56 12.15 1.86
C MET A 290 14.14 12.41 3.30
N GLU A 291 15.13 12.59 4.17
CA GLU A 291 14.80 12.95 5.55
C GLU A 291 14.43 14.43 5.62
N PRO A 292 13.64 14.82 6.63
CA PRO A 292 13.11 16.20 6.72
C PRO A 292 14.04 17.18 7.43
S DMS B . -14.77 -7.43 4.80
O DMS B . -15.22 -6.09 5.30
C1 DMS B . -16.20 -8.34 4.17
C2 DMS B . -13.83 -7.22 3.27
H11 DMS B . -16.88 -8.53 4.96
H12 DMS B . -15.88 -9.26 3.75
H13 DMS B . -16.68 -7.78 3.41
H21 DMS B . -12.95 -6.68 3.47
H22 DMS B . -14.42 -6.69 2.56
H23 DMS B . -13.58 -8.17 2.87
S DMS C . -12.76 -16.18 -0.57
O DMS C . -13.49 -15.20 0.28
C1 DMS C . -12.16 -17.58 0.40
C2 DMS C . -13.92 -17.03 -1.68
H11 DMS C . -11.39 -17.27 1.05
H12 DMS C . -11.81 -18.34 -0.23
H13 DMS C . -12.97 -17.97 0.99
H21 DMS C . -13.94 -16.53 -2.62
H22 DMS C . -14.89 -17.02 -1.26
H23 DMS C . -13.61 -18.03 -1.82
S DMS D . 2.59 15.53 16.01
O DMS D . 1.86 16.51 15.16
C1 DMS D . 4.36 15.90 16.03
C2 DMS D . 2.19 15.76 17.77
H11 DMS D . 4.74 15.86 15.05
H12 DMS D . 4.87 15.20 16.64
H13 DMS D . 4.51 16.88 16.42
H21 DMS D . 1.16 15.52 17.92
H22 DMS D . 2.35 16.77 18.03
H23 DMS D . 2.79 15.13 18.35
S DMS E . -16.57 -5.26 -13.33
O DMS E . -17.23 -4.32 -12.37
C1 DMS E . -15.00 -4.55 -13.89
C2 DMS E . -15.99 -6.72 -12.44
H11 DMS E . -15.19 -3.65 -14.41
H12 DMS E . -14.52 -5.24 -14.55
H13 DMS E . -14.38 -4.37 -13.06
H21 DMS E . -16.81 -7.19 -11.95
H22 DMS E . -15.27 -6.43 -11.72
H23 DMS E . -15.56 -7.40 -13.13
S DMS F . -8.94 -8.85 9.03
O DMS F . -7.62 -9.54 9.09
C1 DMS F . -10.13 -9.93 8.19
C2 DMS F . -9.67 -8.84 10.70
H11 DMS F . -9.67 -10.38 7.35
H12 DMS F . -10.96 -9.36 7.87
H13 DMS F . -10.45 -10.69 8.85
H21 DMS F . -9.78 -7.84 11.03
H22 DMS F . -9.04 -9.37 11.36
H23 DMS F . -10.63 -9.30 10.67
C1 QGZ G . -7.86 -2.37 6.24
C10 QGZ G . -7.22 -6.56 6.15
C11 QGZ G . -6.85 -3.41 3.87
C12 QGZ G . -6.24 -2.35 4.48
C13 QGZ G . -6.72 -1.81 5.65
C14 QGZ G . -8.05 -3.07 9.83
C15 QGZ G . -8.91 -3.04 10.92
C16 QGZ G . -9.13 -4.20 11.64
C17 QGZ G . -8.50 -5.37 11.29
C18 QGZ G . -7.65 -5.39 10.22
C19 QGZ G . -7.41 -4.25 9.48
C2 QGZ G . -8.50 -3.43 5.63
C3 QGZ G . -7.98 -3.96 4.45
C4 QGZ G . -9.77 -6.08 2.31
C5 QGZ G . -9.75 -6.93 3.40
C6 QGZ G . -10.33 -8.26 3.50
C7 QGZ G . -9.04 -6.25 4.39
C8 QGZ G . -8.66 -6.68 5.73
C9 QGZ G . -7.79 -7.90 5.89
N1 QGZ G . -8.45 -1.85 7.43
N2 QGZ G . -8.67 -5.06 3.85
N3 QGZ G . -9.14 -4.96 2.58
O1 QGZ G . -8.53 -0.56 9.50
O2 QGZ G . -10.67 -8.65 4.61
O3 QGZ G . -10.51 -8.93 2.50
O4 QGZ G . -6.36 -1.45 8.74
S1 QGZ G . -7.77 -1.61 8.90
H8 QGZ G . -6.58 -6.20 5.48
H7 QGZ G . -7.03 -6.32 7.09
H9 QGZ G . -6.51 -3.78 3.07
H10 QGZ G . -5.45 -1.97 4.09
H11 QGZ G . -6.30 -1.08 6.06
H12 QGZ G . -9.35 -2.25 11.15
H13 QGZ G . -9.72 -4.18 12.37
H14 QGZ G . -8.65 -6.15 11.80
H15 QGZ G . -7.21 -6.19 9.98
H16 QGZ G . -6.83 -4.27 8.75
H2 QGZ G . -9.28 -3.78 6.01
H3 QGZ G . -10.18 -6.28 1.50
H4 QGZ G . -9.32 -6.53 6.42
H6 QGZ G . -7.50 -8.36 5.05
H5 QGZ G . -7.95 -8.48 6.67
H1 QGZ G . -9.28 -1.64 7.36
#